data_7OTB
#
_entry.id   7OTB
#
_cell.length_a   29.680
_cell.length_b   29.680
_cell.length_c   113.980
_cell.angle_alpha   90.000
_cell.angle_beta   90.000
_cell.angle_gamma   120.000
#
_symmetry.space_group_name_H-M   'P 32 2 1'
#
loop_
_entity.id
_entity.type
_entity.pdbx_description
1 polymer "DNA (5'-D(*GP*GP*GP*TP*TP*AP*GP*GP*GP*TP*TP*AP*GP*GP*GP*TP*TP*TP*GP*GP*G)-3')"
2 non-polymer 'POTASSIUM ION'
3 non-polymer 'BARIUM ION'
4 non-polymer 'Ruthenium bis-(phenanthroline) 12,17-dihydro-naphthodipyridophenazine-12,17-dione'
5 water water
#
_entity_poly.entity_id   1
_entity_poly.type   'polydeoxyribonucleotide'
_entity_poly.pdbx_seq_one_letter_code
;(DG)(DG)(DG)(DT)(DT)(DA)(DG)(DG)(DG)(DT)(DT)(DA)(DG)(DG)(DG)(DT)(DT)(DT)(DG)(DG)
(DG)
;
_entity_poly.pdbx_strand_id   A
#
loop_
_chem_comp.id
_chem_comp.type
_chem_comp.name
_chem_comp.formula
0K8 non-polymer 'Ruthenium bis-(phenanthroline) 12,17-dihydro-naphthodipyridophenazine-12,17-dione' 'C50 H28 N8 O2 Ru 2'
BA non-polymer 'BARIUM ION' 'Ba 2'
DA DNA linking 2'-DEOXYADENOSINE-5'-MONOPHOSPHATE 'C10 H14 N5 O6 P'
DG DNA linking 2'-DEOXYGUANOSINE-5'-MONOPHOSPHATE 'C10 H14 N5 O7 P'
DT DNA linking THYMIDINE-5'-MONOPHOSPHATE 'C10 H15 N2 O8 P'
K non-polymer 'POTASSIUM ION' 'K 1'
#
# COMPACT_ATOMS: atom_id res chain seq x y z
K K B . -3.71 1.46 6.23
K K C . -2.91 0.51 9.56
K K D . -1.90 -0.58 12.82
K K E . 3.69 -10.74 12.99
BA BA F . -15.28 -6.10 0.83
C10 0K8 G . -4.97 4.54 2.46
C11 0K8 G . -4.07 5.62 2.26
C12 0K8 G . -2.82 5.41 1.71
C13 0K8 G . -4.62 3.22 2.13
C14 0K8 G . -3.32 2.98 1.54
C15 0K8 G . -2.41 4.10 1.34
C17 0K8 G . -0.81 2.75 0.49
C16 0K8 G . -1.68 1.65 0.69
N7 0K8 G . 3.33 -1.48 0.37
N6 0K8 G . 1.71 -0.69 -3.41
N1 0K8 G . -2.91 1.76 1.19
N3 0K8 G . 0.49 -1.06 -0.63
C18 0K8 G . -1.24 0.32 0.29
C19 0K8 G . -2.08 -0.80 0.44
C20 0K8 G . -1.58 -2.04 0.06
C21 0K8 G . -0.29 -2.13 -0.47
C22 0K8 G . 0.02 0.15 -0.26
C23 0K8 G . 0.90 1.27 -0.44
C24 0K8 G . 0.50 2.55 -0.09
C25 0K8 G . 2.96 2.03 -1.18
C26 0K8 G . 2.63 3.34 -0.85
C27 0K8 G . 1.40 3.61 -0.30
C28 0K8 G . 5.47 -0.51 -1.98
C29 0K8 G . 6.56 -0.21 -2.79
C30 0K8 G . 6.37 0.03 -4.14
C31 0K8 G . 4.03 -0.34 -3.79
C32 0K8 G . 5.07 -0.04 -4.67
C33 0K8 G . 4.75 0.20 -6.06
C34 0K8 G . 3.49 0.12 -6.53
C35 0K8 G . 2.40 -0.17 -5.65
C36 0K8 G . 1.06 -0.26 -6.05
C37 0K8 G . 0.09 -0.56 -5.11
C38 0K8 G . 0.46 -0.77 -3.79
C39 0K8 G . 2.69 -0.41 -4.29
C40 0K8 G . 3.68 -0.67 1.35
C41 0K8 G . 4.27 -1.16 2.52
C42 0K8 G . 4.51 -2.52 2.65
C43 0K8 G . 4.15 -3.39 1.61
C44 0K8 G . 3.56 -2.82 0.49
C45 0K8 G . 4.36 -4.80 1.65
C46 0K8 G . 3.97 -5.60 0.61
C47 0K8 G . 3.36 -5.04 -0.57
C48 0K8 G . 3.16 -3.66 -0.61
C49 0K8 G . 2.96 -5.80 -1.68
C50 0K8 G . 2.38 -5.18 -2.77
C51 0K8 G . 2.22 -3.79 -2.73
C52 0K8 G . -5.59 2.11 2.30
C53 0K8 G . -6.97 2.50 2.70
C54 0K8 G . -7.29 3.85 3.11
C55 0K8 G . -7.97 1.54 2.64
C56 0K8 G . -9.27 1.85 3.01
C57 0K8 G . -9.58 3.14 3.43
C58 0K8 G . -8.62 4.13 3.49
C9 0K8 G . -6.26 4.89 3.14
N2 0K8 G . -1.19 3.98 0.83
N4 0K8 G . 2.11 1.03 -0.99
N5 0K8 G . 4.22 -0.58 -2.47
N8 0K8 G . 2.61 -3.07 -1.69
O59 0K8 G . -5.32 0.96 1.95
O60 0K8 G . -6.52 6.04 3.49
RU1 0K8 G . 2.41 -0.99 -1.46
H62 0K8 G . -4.31 6.48 2.49
H63 0K8 G . -2.25 6.13 1.59
H64 0K8 G . -2.92 -0.72 0.81
H65 0K8 G . -2.10 -2.81 0.16
H66 0K8 G . 0.03 -2.96 -0.74
H67 0K8 G . 3.79 1.85 -1.56
H68 0K8 G . 3.24 4.03 -0.99
H69 0K8 G . 1.16 4.47 -0.06
H70 0K8 G . 5.61 -0.67 -1.07
H71 0K8 G . 7.43 -0.18 -2.44
H72 0K8 G . 7.09 0.22 -4.69
H73 0K8 G . 5.44 0.39 -6.65
H74 0K8 G . 3.32 0.29 -7.43
H75 0K8 G . 0.82 -0.11 -6.94
H76 0K8 G . -0.80 -0.62 -5.36
H77 0K8 G . -0.19 -0.98 -3.16
H78 0K8 G . 3.51 0.24 1.27
H79 0K8 G . 4.51 -0.57 3.20
H80 0K8 G . 4.90 -2.85 3.42
H81 0K8 G . 4.74 -5.19 2.40
H82 0K8 G . 4.13 -6.51 0.66
H83 0K8 G . 3.07 -6.72 -1.68
H84 0K8 G . 2.11 -5.67 -3.50
H85 0K8 G . 1.83 -3.37 -3.46
H86 0K8 G . -7.77 0.67 2.40
H87 0K8 G . -9.93 1.19 3.00
H88 0K8 G . -10.46 3.35 3.67
H89 0K8 G . -8.86 4.99 3.73
#